data_3PPJ
#
_entry.id   3PPJ
#
_cell.length_a   100.540
_cell.length_b   100.540
_cell.length_c   162.110
_cell.angle_alpha   90.00
_cell.angle_beta   90.00
_cell.angle_gamma   90.00
#
_symmetry.space_group_name_H-M   'P 41 21 2'
#
loop_
_entity.id
_entity.type
_entity.pdbx_description
1 polymer 'Serine/threonine-protein kinase B-raf'
2 non-polymer 'methyl 3-{[(5S)-1-(hydroxyamino)-5H-inden-5-yl]amino}furo[2,3-c]pyridine-2-carboxylate'
#
_entity_poly.entity_id   1
_entity_poly.type   'polypeptide(L)'
_entity_poly.pdbx_seq_one_letter_code
;MDRGSHHHHHHGSEDRNRMKTLGRRDSSDDWEIPDGQITVGQRIGSGSFGTVYKGKWHGDVAVKMLNVTAPTPQQLQAFK
NEVGVLRKTRHVNILLFMGYSTKPQLAIVTQWCEGSSLYHHLHIIETKFEMIKLIDIARQTAQGMDYLHAKSIIHRDLKS
NNIFLHEDLTVKIGDFGLATVKSRWSGSHQFEQLSGSILWMAPEVIRMQDKNPYSFQSDVYAFGIVLYELMTGQLPYSNI
NNRDQIIFMVGRGYLSPDLSKVRSNCPKAMKRLMAECLKKKRDERPLFPQILASIELLARSLPKIHR
;
_entity_poly.pdbx_strand_id   A,B
#
loop_
_chem_comp.id
_chem_comp.type
_chem_comp.name
_chem_comp.formula
FOI non-polymer 'methyl 3-{[(5S)-1-(hydroxyamino)-5H-inden-5-yl]amino}furo[2,3-c]pyridine-2-carboxylate' 'C18 H15 N3 O4'
#
# COMPACT_ATOMS: atom_id res chain seq x y z
N ASP A 29 9.43 -8.15 15.42
CA ASP A 29 8.96 -6.83 14.91
C ASP A 29 9.89 -6.34 13.79
N ASP A 30 11.17 -6.65 13.91
CA ASP A 30 12.23 -6.08 13.08
C ASP A 30 12.06 -6.37 11.58
N TRP A 31 12.72 -5.56 10.76
CA TRP A 31 12.50 -5.57 9.31
C TRP A 31 13.64 -6.18 8.52
N GLU A 32 14.70 -6.58 9.21
CA GLU A 32 15.83 -7.22 8.52
C GLU A 32 15.35 -8.52 7.93
N ILE A 33 15.86 -8.88 6.76
CA ILE A 33 15.44 -10.11 6.09
C ILE A 33 16.58 -11.13 6.05
N PRO A 34 16.28 -12.39 6.42
CA PRO A 34 17.28 -13.46 6.46
C PRO A 34 17.92 -13.72 5.09
N ASP A 35 19.24 -13.88 5.09
CA ASP A 35 20.02 -14.08 3.87
C ASP A 35 19.39 -15.17 2.98
N GLY A 36 19.24 -14.86 1.69
CA GLY A 36 18.82 -15.88 0.73
C GLY A 36 17.34 -15.86 0.39
N GLN A 37 16.53 -15.20 1.22
CA GLN A 37 15.10 -15.12 0.99
C GLN A 37 14.78 -14.29 -0.25
N ILE A 38 15.49 -13.18 -0.41
CA ILE A 38 15.26 -12.26 -1.53
C ILE A 38 15.88 -12.82 -2.80
N THR A 39 15.10 -12.89 -3.87
CA THR A 39 15.62 -13.44 -5.12
C THR A 39 15.82 -12.31 -6.13
N VAL A 40 17.07 -11.95 -6.38
CA VAL A 40 17.33 -10.82 -7.25
C VAL A 40 17.16 -11.20 -8.72
N GLY A 41 16.47 -10.35 -9.48
CA GLY A 41 16.23 -10.64 -10.88
C GLY A 41 16.83 -9.61 -11.82
N GLN A 42 16.00 -9.16 -12.76
CA GLN A 42 16.40 -8.13 -13.73
C GLN A 42 17.04 -6.91 -13.08
N ARG A 43 18.03 -6.33 -13.74
CA ARG A 43 18.48 -4.98 -13.39
C ARG A 43 17.66 -4.00 -14.22
N ILE A 44 17.10 -2.98 -13.57
CA ILE A 44 16.16 -2.11 -14.24
C ILE A 44 16.57 -0.64 -14.20
N GLY A 45 17.58 -0.35 -13.39
CA GLY A 45 18.14 0.99 -13.36
C GLY A 45 18.93 1.29 -12.10
N SER A 46 19.06 2.58 -11.78
CA SER A 46 19.78 2.98 -10.59
C SER A 46 18.90 3.83 -9.67
N GLY A 47 19.37 4.02 -8.46
CA GLY A 47 18.72 4.90 -7.52
C GLY A 47 19.81 5.47 -6.64
N SER A 48 19.46 6.34 -5.71
CA SER A 48 20.48 6.93 -4.87
C SER A 48 21.31 5.82 -4.25
N PHE A 49 22.62 5.97 -4.31
CA PHE A 49 23.53 5.07 -3.61
C PHE A 49 23.34 3.59 -3.96
N GLY A 50 22.87 3.28 -5.17
CA GLY A 50 22.66 1.87 -5.49
C GLY A 50 22.31 1.48 -6.92
N THR A 51 21.85 0.24 -7.04
CA THR A 51 21.41 -0.33 -8.32
C THR A 51 20.04 -0.96 -8.09
N VAL A 52 19.02 -0.52 -8.83
CA VAL A 52 17.68 -1.04 -8.61
C VAL A 52 17.42 -2.30 -9.44
N TYR A 53 16.82 -3.30 -8.82
CA TYR A 53 16.45 -4.53 -9.51
C TYR A 53 15.00 -4.83 -9.19
N LYS A 54 14.35 -5.60 -10.06
CA LYS A 54 13.09 -6.23 -9.72
C LYS A 54 13.35 -7.61 -9.12
N GLY A 55 12.69 -7.91 -8.01
CA GLY A 55 12.94 -9.18 -7.35
C GLY A 55 11.71 -9.93 -6.86
N LYS A 56 11.94 -11.00 -6.12
CA LYS A 56 10.86 -11.75 -5.51
C LYS A 56 11.14 -11.90 -4.02
N TRP A 57 10.15 -11.56 -3.21
CA TRP A 57 10.19 -11.81 -1.77
C TRP A 57 8.78 -11.71 -1.22
N HIS A 58 8.10 -12.85 -1.10
CA HIS A 58 6.66 -12.83 -0.90
C HIS A 58 6.01 -11.99 -1.99
N GLY A 59 6.33 -12.32 -3.25
CA GLY A 59 5.79 -11.57 -4.37
C GLY A 59 6.84 -10.73 -5.06
N ASP A 60 6.40 -9.89 -5.99
CA ASP A 60 7.31 -8.98 -6.69
C ASP A 60 7.69 -7.82 -5.79
N VAL A 61 8.97 -7.45 -5.83
CA VAL A 61 9.49 -6.34 -5.03
C VAL A 61 10.61 -5.63 -5.77
N ALA A 62 10.80 -4.35 -5.48
CA ALA A 62 11.93 -3.62 -6.03
C ALA A 62 13.07 -3.70 -5.04
N VAL A 63 14.27 -4.00 -5.52
CA VAL A 63 15.42 -4.07 -4.63
C VAL A 63 16.52 -3.13 -5.07
N LYS A 64 17.01 -2.32 -4.12
CA LYS A 64 18.08 -1.38 -4.38
C LYS A 64 19.33 -1.83 -3.63
N MET A 65 20.36 -2.22 -4.36
CA MET A 65 21.58 -2.72 -3.75
C MET A 65 22.66 -1.65 -3.65
N LEU A 66 23.10 -1.40 -2.42
CA LEU A 66 23.94 -0.23 -2.13
C LEU A 66 25.44 -0.51 -2.32
N ASN A 67 25.75 -1.59 -3.03
CA ASN A 67 27.14 -1.95 -3.28
C ASN A 67 27.35 -3.10 -4.27
N VAL A 68 28.59 -3.24 -4.72
CA VAL A 68 29.17 -4.56 -4.94
C VAL A 68 30.00 -4.92 -3.71
N THR A 69 31.33 -4.82 -3.80
CA THR A 69 32.25 -5.45 -2.84
C THR A 69 31.94 -5.21 -1.36
N ALA A 70 32.83 -4.53 -0.65
CA ALA A 70 32.56 -4.26 0.76
C ALA A 70 32.15 -2.80 0.98
N PRO A 71 31.21 -2.58 1.90
CA PRO A 71 30.62 -1.27 2.22
C PRO A 71 31.60 -0.25 2.79
N THR A 72 31.60 0.94 2.21
CA THR A 72 32.31 2.08 2.78
C THR A 72 31.51 2.50 4.00
N PRO A 73 32.14 3.20 4.95
CA PRO A 73 31.35 3.89 5.97
C PRO A 73 30.55 5.04 5.37
N GLN A 74 30.93 5.44 4.16
CA GLN A 74 30.12 6.37 3.38
C GLN A 74 28.77 5.70 3.11
N GLN A 75 28.83 4.53 2.47
CA GLN A 75 27.62 3.84 2.06
C GLN A 75 26.89 3.33 3.29
N LEU A 76 27.64 2.89 4.29
CA LEU A 76 27.05 2.29 5.48
C LEU A 76 26.12 3.27 6.17
N GLN A 77 26.45 4.56 6.09
CA GLN A 77 25.63 5.57 6.72
C GLN A 77 24.35 5.81 5.89
N ALA A 78 24.53 6.03 4.60
CA ALA A 78 23.41 6.34 3.73
C ALA A 78 22.38 5.22 3.76
N PHE A 79 22.86 4.01 3.98
CA PHE A 79 21.97 2.86 4.14
C PHE A 79 21.18 3.02 5.43
N LYS A 80 21.89 3.04 6.56
CA LYS A 80 21.23 3.15 7.86
C LYS A 80 20.31 4.36 7.94
N ASN A 81 20.69 5.45 7.27
CA ASN A 81 19.85 6.63 7.20
C ASN A 81 18.55 6.31 6.47
N GLU A 82 18.68 5.83 5.23
CA GLU A 82 17.52 5.63 4.37
C GLU A 82 16.50 4.70 5.00
N VAL A 83 16.96 3.53 5.43
CA VAL A 83 16.08 2.58 6.11
C VAL A 83 15.43 3.24 7.31
N GLY A 84 16.21 4.08 7.99
CA GLY A 84 15.72 4.72 9.20
C GLY A 84 14.60 5.70 8.91
N VAL A 85 14.51 6.14 7.67
CA VAL A 85 13.47 7.07 7.25
C VAL A 85 12.27 6.29 6.74
N LEU A 86 12.52 5.35 5.85
CA LEU A 86 11.45 4.55 5.26
C LEU A 86 10.57 3.97 6.36
N ARG A 87 11.19 3.40 7.39
CA ARG A 87 10.44 2.72 8.44
C ARG A 87 9.64 3.70 9.28
N LYS A 88 9.61 4.96 8.87
CA LYS A 88 8.75 5.94 9.52
C LYS A 88 7.56 6.28 8.63
N THR A 89 7.60 5.76 7.41
CA THR A 89 6.53 6.04 6.45
C THR A 89 5.58 4.85 6.27
N ARG A 90 4.31 5.09 6.57
CA ARG A 90 3.24 4.17 6.19
C ARG A 90 2.11 4.97 5.58
N HIS A 91 2.19 5.18 4.28
CA HIS A 91 1.14 5.90 3.57
C HIS A 91 0.94 5.30 2.20
N VAL A 92 -0.26 5.43 1.67
CA VAL A 92 -0.57 4.87 0.36
C VAL A 92 0.24 5.51 -0.75
N ASN A 93 0.66 6.76 -0.54
CA ASN A 93 1.33 7.50 -1.60
C ASN A 93 2.85 7.45 -1.51
N ILE A 94 3.37 6.96 -0.39
CA ILE A 94 4.81 6.72 -0.27
C ILE A 94 5.12 5.28 -0.68
N LEU A 95 6.21 5.08 -1.40
CA LEU A 95 6.59 3.73 -1.85
C LEU A 95 6.80 2.85 -0.63
N LEU A 96 6.11 1.71 -0.60
CA LEU A 96 6.08 0.89 0.60
C LEU A 96 7.42 0.23 0.86
N PHE A 97 8.02 0.58 1.99
CA PHE A 97 9.21 -0.11 2.48
C PHE A 97 8.78 -1.47 3.04
N MET A 98 9.44 -2.54 2.63
CA MET A 98 9.07 -3.90 3.01
C MET A 98 10.10 -4.59 3.89
N GLY A 99 11.37 -4.29 3.65
CA GLY A 99 12.45 -4.89 4.43
C GLY A 99 13.82 -4.46 3.96
N TYR A 100 14.86 -4.87 4.68
CA TYR A 100 16.22 -4.58 4.26
C TYR A 100 17.12 -5.78 4.45
N SER A 101 18.22 -5.84 3.72
CA SER A 101 19.20 -6.91 3.88
C SER A 101 20.61 -6.36 3.87
N THR A 102 21.46 -6.90 4.73
CA THR A 102 22.87 -6.54 4.78
C THR A 102 23.75 -7.68 4.31
N LYS A 103 23.31 -8.91 4.61
CA LYS A 103 24.20 -10.04 4.69
C LYS A 103 24.93 -10.42 3.39
N PRO A 104 24.21 -10.55 2.27
CA PRO A 104 24.93 -10.67 0.99
C PRO A 104 25.50 -9.32 0.56
N GLN A 105 24.62 -8.33 0.45
CA GLN A 105 25.00 -6.94 0.20
C GLN A 105 24.00 -6.03 0.92
N LEU A 106 24.29 -4.74 1.00
CA LEU A 106 23.30 -3.78 1.50
C LEU A 106 22.18 -3.63 0.47
N ALA A 107 20.95 -3.89 0.89
CA ALA A 107 19.83 -3.86 -0.04
C ALA A 107 18.53 -3.40 0.63
N ILE A 108 17.74 -2.64 -0.11
CA ILE A 108 16.47 -2.14 0.41
C ILE A 108 15.31 -2.69 -0.41
N VAL A 109 14.47 -3.49 0.22
CA VAL A 109 13.33 -4.08 -0.46
C VAL A 109 12.07 -3.26 -0.25
N THR A 110 11.44 -2.86 -1.35
CA THR A 110 10.15 -2.21 -1.31
C THR A 110 9.17 -2.98 -2.19
N GLN A 111 7.90 -2.61 -2.12
CA GLN A 111 6.92 -3.17 -3.03
C GLN A 111 7.36 -2.93 -4.47
N TRP A 112 6.63 -3.52 -5.42
CA TRP A 112 6.91 -3.33 -6.83
C TRP A 112 5.71 -2.72 -7.54
N CYS A 113 5.99 -1.83 -8.49
CA CYS A 113 4.94 -1.13 -9.22
C CYS A 113 5.02 -1.44 -10.69
N GLU A 114 3.98 -2.08 -11.22
CA GLU A 114 3.92 -2.27 -12.66
C GLU A 114 3.65 -0.92 -13.27
N GLY A 115 4.31 -0.63 -14.39
CA GLY A 115 4.16 0.65 -15.04
C GLY A 115 5.01 1.73 -14.39
N SER A 116 5.64 2.56 -15.22
CA SER A 116 6.89 3.21 -14.83
C SER A 116 6.72 4.51 -14.04
N SER A 117 7.80 5.28 -13.97
CA SER A 117 7.84 6.54 -13.24
C SER A 117 7.29 7.67 -14.08
N LEU A 118 6.75 8.69 -13.40
CA LEU A 118 6.09 9.80 -14.08
C LEU A 118 6.97 10.36 -15.19
N TYR A 119 8.28 10.42 -14.94
CA TYR A 119 9.25 10.90 -15.93
C TYR A 119 9.18 10.07 -17.20
N HIS A 120 9.27 8.77 -17.05
CA HIS A 120 9.22 7.87 -18.19
C HIS A 120 7.93 8.13 -18.98
N HIS A 121 6.83 8.24 -18.26
CA HIS A 121 5.54 8.46 -18.89
C HIS A 121 5.49 9.76 -19.66
N LEU A 122 6.16 10.78 -19.14
CA LEU A 122 6.04 12.12 -19.69
C LEU A 122 7.07 12.42 -20.77
N HIS A 123 8.29 11.89 -20.61
CA HIS A 123 9.39 12.29 -21.48
C HIS A 123 10.00 11.18 -22.30
N ILE A 124 9.66 9.94 -22.00
CA ILE A 124 10.22 8.83 -22.75
C ILE A 124 9.20 8.21 -23.69
N ILE A 125 8.12 7.68 -23.13
CA ILE A 125 7.08 7.06 -23.93
C ILE A 125 5.96 8.05 -24.23
N GLU A 126 6.14 9.28 -23.76
CA GLU A 126 5.24 10.38 -24.08
C GLU A 126 3.76 10.00 -23.99
N THR A 127 3.40 9.32 -22.91
CA THR A 127 2.00 9.11 -22.57
C THR A 127 1.30 10.47 -22.50
N LYS A 128 0.15 10.61 -23.16
CA LYS A 128 -0.63 11.83 -23.08
C LYS A 128 -1.84 11.64 -22.18
N PHE A 129 -1.76 12.18 -20.97
CA PHE A 129 -2.83 12.07 -20.01
C PHE A 129 -3.92 13.12 -20.22
N GLU A 130 -5.08 12.87 -19.65
CA GLU A 130 -6.17 13.84 -19.61
C GLU A 130 -5.94 14.77 -18.44
N MET A 131 -6.54 15.96 -18.51
CA MET A 131 -6.30 16.99 -17.52
C MET A 131 -6.71 16.52 -16.14
N ILE A 132 -7.78 15.73 -16.07
CA ILE A 132 -8.32 15.29 -14.81
C ILE A 132 -7.33 14.34 -14.17
N LYS A 133 -6.65 13.58 -15.01
CA LYS A 133 -5.70 12.58 -14.55
C LYS A 133 -4.44 13.27 -14.05
N LEU A 134 -4.00 14.29 -14.80
CA LEU A 134 -2.78 15.03 -14.46
C LEU A 134 -2.93 15.71 -13.11
N ILE A 135 -4.05 16.39 -12.92
CA ILE A 135 -4.34 17.05 -11.66
C ILE A 135 -4.36 16.02 -10.55
N ASP A 136 -4.94 14.86 -10.82
CA ASP A 136 -5.05 13.82 -9.82
C ASP A 136 -3.67 13.35 -9.41
N ILE A 137 -2.81 13.13 -10.41
CA ILE A 137 -1.42 12.78 -10.14
C ILE A 137 -0.79 13.85 -9.26
N ALA A 138 -1.13 15.10 -9.53
CA ALA A 138 -0.62 16.20 -8.72
C ALA A 138 -1.21 16.13 -7.31
N ARG A 139 -2.47 15.71 -7.20
CA ARG A 139 -3.15 15.74 -5.91
C ARG A 139 -2.61 14.67 -5.00
N GLN A 140 -2.18 13.55 -5.57
CA GLN A 140 -1.65 12.45 -4.79
C GLN A 140 -0.24 12.79 -4.33
N THR A 141 0.60 13.21 -5.27
CA THR A 141 1.97 13.63 -4.97
C THR A 141 1.98 14.64 -3.85
N ALA A 142 1.11 15.64 -3.98
CA ALA A 142 0.90 16.59 -2.91
C ALA A 142 0.58 15.85 -1.62
N GLN A 143 -0.39 14.95 -1.69
CA GLN A 143 -0.88 14.24 -0.52
C GLN A 143 0.25 13.56 0.25
N GLY A 144 1.14 12.92 -0.49
CA GLY A 144 2.22 12.17 0.14
C GLY A 144 3.28 13.07 0.74
N MET A 145 3.56 14.18 0.06
CA MET A 145 4.56 15.13 0.55
C MET A 145 4.09 15.74 1.86
N ASP A 146 2.81 16.09 1.90
CA ASP A 146 2.22 16.60 3.13
C ASP A 146 2.50 15.61 4.24
N TYR A 147 2.32 14.33 3.93
CA TYR A 147 2.56 13.26 4.89
C TYR A 147 3.97 13.36 5.44
N LEU A 148 4.95 13.28 4.54
CA LEU A 148 6.37 13.31 4.90
C LEU A 148 6.75 14.52 5.75
N HIS A 149 6.31 15.69 5.31
CA HIS A 149 6.63 16.92 6.02
C HIS A 149 5.97 16.95 7.39
N ALA A 150 4.77 16.36 7.51
CA ALA A 150 4.09 16.29 8.78
C ALA A 150 4.90 15.43 9.74
N LYS A 151 5.76 14.59 9.19
CA LYS A 151 6.62 13.73 9.99
C LYS A 151 8.03 14.27 10.03
N SER A 152 8.20 15.52 9.61
CA SER A 152 9.51 16.17 9.60
C SER A 152 10.50 15.43 8.73
N ILE A 153 9.99 14.87 7.63
CA ILE A 153 10.82 14.19 6.63
C ILE A 153 11.01 15.08 5.40
N ILE A 154 12.25 15.37 5.05
CA ILE A 154 12.52 16.16 3.87
C ILE A 154 13.12 15.27 2.78
N HIS A 155 12.52 15.30 1.60
CA HIS A 155 12.87 14.34 0.57
C HIS A 155 14.12 14.73 -0.20
N ARG A 156 14.27 16.03 -0.46
CA ARG A 156 15.52 16.56 -1.00
C ARG A 156 15.91 15.98 -2.37
N ASP A 157 15.02 15.18 -2.96
CA ASP A 157 15.23 14.73 -4.32
C ASP A 157 13.94 14.44 -5.04
N LEU A 158 12.89 15.18 -4.71
CA LEU A 158 11.63 15.01 -5.42
C LEU A 158 11.87 15.32 -6.88
N LYS A 159 11.37 14.47 -7.75
CA LYS A 159 11.46 14.67 -9.20
C LYS A 159 10.69 13.54 -9.85
N SER A 160 10.08 13.81 -10.99
CA SER A 160 9.21 12.84 -11.66
C SER A 160 9.85 11.46 -11.83
N ASN A 161 11.16 11.37 -11.63
CA ASN A 161 11.86 10.09 -11.67
C ASN A 161 11.52 9.24 -10.46
N ASN A 162 11.32 9.90 -9.33
CA ASN A 162 11.03 9.21 -8.08
C ASN A 162 9.54 9.18 -7.80
N ILE A 163 8.75 9.70 -8.72
CA ILE A 163 7.29 9.58 -8.62
C ILE A 163 6.80 8.42 -9.49
N PHE A 164 6.40 7.33 -8.85
CA PHE A 164 6.04 6.12 -9.59
C PHE A 164 4.54 5.94 -9.68
N LEU A 165 4.08 5.65 -10.89
CA LEU A 165 2.67 5.40 -11.12
C LEU A 165 2.38 3.90 -11.10
N HIS A 166 1.84 3.44 -9.97
CA HIS A 166 1.52 2.04 -9.80
C HIS A 166 0.13 1.74 -10.35
N GLU A 167 -0.01 0.61 -11.04
CA GLU A 167 -1.26 0.24 -11.71
C GLU A 167 -1.88 1.44 -12.42
N ASP A 168 -1.02 2.37 -12.84
CA ASP A 168 -1.42 3.52 -13.65
C ASP A 168 -2.35 4.53 -13.01
N LEU A 169 -2.79 4.29 -11.77
CA LEU A 169 -3.74 5.19 -11.14
C LEU A 169 -3.44 5.54 -9.68
N THR A 170 -2.28 5.10 -9.20
CA THR A 170 -1.89 5.40 -7.82
C THR A 170 -0.43 5.87 -7.76
N VAL A 171 -0.22 7.01 -7.11
CA VAL A 171 1.10 7.62 -7.10
C VAL A 171 1.89 7.28 -5.87
N LYS A 172 3.08 6.75 -6.07
CA LYS A 172 3.97 6.37 -4.98
C LYS A 172 5.26 7.17 -5.05
N ILE A 173 5.59 7.87 -3.97
CA ILE A 173 6.81 8.67 -3.91
C ILE A 173 8.00 7.81 -3.47
N GLY A 174 9.01 7.73 -4.32
CA GLY A 174 10.07 6.76 -4.09
C GLY A 174 11.46 7.30 -3.86
N ASP A 175 12.32 6.46 -3.30
CA ASP A 175 13.75 6.72 -3.20
C ASP A 175 14.09 7.82 -2.21
N PHE A 176 14.37 7.42 -0.98
CA PHE A 176 14.65 8.39 0.07
C PHE A 176 16.12 8.36 0.45
N GLY A 177 16.97 8.15 -0.55
CA GLY A 177 18.38 8.02 -0.28
C GLY A 177 18.98 9.31 0.25
N LEU A 178 18.30 10.41 -0.04
CA LEU A 178 18.83 11.72 0.27
C LEU A 178 17.98 12.47 1.29
N ALA A 179 16.97 11.79 1.84
CA ALA A 179 16.06 12.42 2.78
C ALA A 179 16.70 12.56 4.15
N THR A 180 16.18 13.51 4.93
CA THR A 180 16.61 13.72 6.32
C THR A 180 15.45 14.06 7.24
N VAL A 181 15.73 14.07 8.54
CA VAL A 181 14.74 14.44 9.54
C VAL A 181 15.26 15.50 10.52
N GLY A 196 23.20 15.93 -8.05
CA GLY A 196 22.91 15.03 -9.14
C GLY A 196 22.01 15.60 -10.22
N SER A 197 20.71 15.70 -9.91
CA SER A 197 19.69 16.17 -10.86
C SER A 197 19.21 17.57 -10.46
N ILE A 198 19.35 18.53 -11.38
CA ILE A 198 19.29 19.94 -11.04
C ILE A 198 18.01 20.64 -11.48
N LEU A 199 17.32 20.07 -12.47
CA LEU A 199 16.15 20.73 -13.03
C LEU A 199 15.02 20.92 -12.01
N TRP A 200 15.13 20.27 -10.86
CA TRP A 200 14.12 20.40 -9.81
C TRP A 200 14.61 21.18 -8.60
N MET A 201 15.93 21.37 -8.51
CA MET A 201 16.51 22.09 -7.39
C MET A 201 16.08 23.55 -7.35
N ALA A 202 15.58 23.98 -6.19
CA ALA A 202 15.33 25.40 -5.98
C ALA A 202 16.65 26.16 -6.02
N PRO A 203 16.60 27.44 -6.43
CA PRO A 203 17.83 28.23 -6.56
C PRO A 203 18.67 28.25 -5.29
N GLU A 204 18.01 28.35 -4.13
CA GLU A 204 18.73 28.44 -2.86
C GLU A 204 19.59 27.20 -2.67
N VAL A 205 19.17 26.12 -3.32
CA VAL A 205 19.92 24.88 -3.28
C VAL A 205 21.04 24.93 -4.30
N ILE A 206 20.72 25.47 -5.48
CA ILE A 206 21.66 25.48 -6.58
C ILE A 206 22.94 26.27 -6.30
N ARG A 207 22.83 27.28 -5.45
CA ARG A 207 24.01 28.02 -5.01
C ARG A 207 24.23 27.77 -3.52
N MET A 208 25.28 27.01 -3.20
CA MET A 208 25.36 26.45 -1.87
C MET A 208 25.78 27.48 -0.80
N GLN A 209 24.78 27.91 -0.04
CA GLN A 209 24.93 28.89 1.02
C GLN A 209 23.60 29.00 1.79
N ASP A 210 23.65 28.74 3.08
CA ASP A 210 24.93 28.52 3.75
C ASP A 210 25.26 27.04 3.86
N LYS A 211 25.18 26.50 5.07
CA LYS A 211 25.35 25.07 5.24
C LYS A 211 24.07 24.33 4.87
N ASN A 212 22.91 24.89 5.21
CA ASN A 212 21.64 24.20 4.99
C ASN A 212 20.64 24.96 4.12
N PRO A 213 20.69 24.73 2.81
CA PRO A 213 19.73 25.21 1.82
C PRO A 213 18.40 24.44 1.80
N TYR A 214 18.45 23.16 2.19
CA TYR A 214 17.29 22.29 2.11
C TYR A 214 16.24 22.57 3.18
N SER A 215 15.01 22.80 2.75
CA SER A 215 13.91 23.07 3.66
C SER A 215 12.63 22.51 3.08
N PHE A 216 11.57 22.54 3.87
CA PHE A 216 10.27 22.12 3.35
C PHE A 216 10.03 22.84 2.03
N GLN A 217 10.50 24.08 1.97
CA GLN A 217 10.26 24.91 0.80
C GLN A 217 11.10 24.49 -0.41
N SER A 218 12.29 23.95 -0.18
CA SER A 218 13.12 23.48 -1.28
C SER A 218 12.45 22.28 -1.93
N ASP A 219 11.65 21.58 -1.15
CA ASP A 219 10.84 20.45 -1.65
C ASP A 219 9.70 20.97 -2.50
N VAL A 220 8.98 21.95 -1.98
CA VAL A 220 7.86 22.54 -2.69
C VAL A 220 8.28 22.96 -4.08
N TYR A 221 9.45 23.59 -4.17
CA TYR A 221 9.92 24.07 -5.46
C TYR A 221 10.11 22.90 -6.42
N ALA A 222 10.69 21.82 -5.93
CA ALA A 222 10.86 20.63 -6.75
C ALA A 222 9.50 20.16 -7.24
N PHE A 223 8.54 20.08 -6.32
CA PHE A 223 7.19 19.70 -6.70
C PHE A 223 6.65 20.70 -7.72
N GLY A 224 7.04 21.95 -7.59
CA GLY A 224 6.56 22.95 -8.53
C GLY A 224 6.94 22.61 -9.95
N ILE A 225 8.11 21.98 -10.12
CA ILE A 225 8.62 21.65 -11.44
C ILE A 225 7.93 20.43 -12.04
N VAL A 226 7.52 19.50 -11.18
CA VAL A 226 6.78 18.35 -11.68
C VAL A 226 5.36 18.79 -12.03
N LEU A 227 4.87 19.81 -11.34
CA LEU A 227 3.62 20.44 -11.74
C LEU A 227 3.79 20.97 -13.16
N TYR A 228 4.91 21.66 -13.35
CA TYR A 228 5.27 22.18 -14.66
C TYR A 228 5.34 21.05 -15.69
N GLU A 229 6.03 19.97 -15.35
CA GLU A 229 6.08 18.78 -16.20
C GLU A 229 4.68 18.30 -16.54
N LEU A 230 3.84 18.18 -15.51
CA LEU A 230 2.48 17.70 -15.68
C LEU A 230 1.72 18.59 -16.64
N MET A 231 1.85 19.90 -16.47
CA MET A 231 1.01 20.82 -17.23
C MET A 231 1.60 21.17 -18.59
N THR A 232 2.87 20.86 -18.81
CA THR A 232 3.50 21.19 -20.09
C THR A 232 3.85 19.94 -20.87
N GLY A 233 3.92 18.82 -20.16
CA GLY A 233 4.44 17.60 -20.77
C GLY A 233 5.90 17.73 -21.20
N GLN A 234 6.62 18.67 -20.61
CA GLN A 234 7.99 18.99 -21.00
C GLN A 234 8.93 19.24 -19.82
N LEU A 235 10.21 18.96 -20.02
CA LEU A 235 11.23 19.38 -19.06
C LEU A 235 11.53 20.86 -19.25
N PRO A 236 11.61 21.62 -18.15
CA PRO A 236 11.89 23.05 -18.25
C PRO A 236 13.24 23.30 -18.90
N TYR A 237 13.42 24.51 -19.40
CA TYR A 237 14.67 24.93 -20.04
C TYR A 237 15.07 23.98 -21.17
N SER A 238 14.08 23.39 -21.83
CA SER A 238 14.34 22.42 -22.88
C SER A 238 15.16 22.99 -24.04
N ASN A 239 15.06 24.30 -24.25
CA ASN A 239 15.72 24.93 -25.39
C ASN A 239 17.20 25.27 -25.13
N ILE A 240 17.62 25.17 -23.87
CA ILE A 240 19.01 25.43 -23.52
C ILE A 240 19.79 24.13 -23.43
N ASN A 241 20.83 23.98 -24.26
CA ASN A 241 21.54 22.72 -24.31
C ASN A 241 22.80 22.68 -23.47
N ASN A 242 22.98 23.66 -22.60
CA ASN A 242 24.14 23.71 -21.72
C ASN A 242 23.75 23.56 -20.26
N ARG A 243 24.19 22.47 -19.61
CA ARG A 243 23.75 22.17 -18.25
C ARG A 243 24.31 23.21 -17.29
N ASP A 244 25.56 23.58 -17.48
CA ASP A 244 26.23 24.48 -16.56
C ASP A 244 25.66 25.87 -16.60
N GLN A 245 25.25 26.32 -17.78
CA GLN A 245 24.57 27.61 -17.91
C GLN A 245 23.31 27.58 -17.08
N ILE A 246 22.60 26.47 -17.17
CA ILE A 246 21.30 26.38 -16.54
C ILE A 246 21.42 26.43 -15.02
N ILE A 247 22.51 25.90 -14.48
CA ILE A 247 22.70 25.97 -13.04
C ILE A 247 23.09 27.38 -12.68
N PHE A 248 24.07 27.91 -13.39
CA PHE A 248 24.51 29.27 -13.11
C PHE A 248 23.32 30.20 -13.13
N MET A 249 22.54 30.13 -14.20
CA MET A 249 21.50 31.11 -14.45
C MET A 249 20.33 30.97 -13.50
N VAL A 250 19.96 29.73 -13.18
CA VAL A 250 18.91 29.50 -12.20
C VAL A 250 19.43 29.87 -10.83
N GLY A 251 20.75 29.74 -10.64
CA GLY A 251 21.34 30.16 -9.39
C GLY A 251 21.21 31.66 -9.16
N ARG A 252 21.58 32.43 -10.17
CA ARG A 252 21.61 33.89 -10.05
C ARG A 252 20.24 34.50 -10.31
N GLY A 253 19.27 33.65 -10.66
CA GLY A 253 17.91 34.12 -10.83
C GLY A 253 17.69 34.81 -12.15
N TYR A 254 18.41 34.38 -13.18
CA TYR A 254 18.20 34.89 -14.53
C TYR A 254 17.23 33.99 -15.29
N LEU A 255 17.22 32.72 -14.93
CA LEU A 255 16.36 31.75 -15.59
C LEU A 255 15.25 31.25 -14.67
N SER A 256 14.04 31.17 -15.21
CA SER A 256 12.96 30.53 -14.50
C SER A 256 12.11 29.79 -15.50
N PRO A 257 11.37 28.78 -15.04
CA PRO A 257 10.47 28.03 -15.93
C PRO A 257 9.52 28.97 -16.68
N ASP A 258 9.36 28.72 -17.97
CA ASP A 258 8.51 29.56 -18.81
C ASP A 258 7.06 29.13 -18.67
N LEU A 259 6.27 29.92 -17.95
CA LEU A 259 4.96 29.46 -17.52
C LEU A 259 3.87 29.62 -18.57
N SER A 260 4.22 30.19 -19.71
CA SER A 260 3.27 30.34 -20.80
C SER A 260 3.13 29.05 -21.60
N LYS A 261 3.96 28.06 -21.30
CA LYS A 261 3.95 26.78 -22.02
C LYS A 261 2.86 25.84 -21.53
N VAL A 262 2.26 26.15 -20.38
CA VAL A 262 1.19 25.35 -19.84
C VAL A 262 0.04 25.24 -20.84
N ARG A 263 -0.48 24.03 -21.04
CA ARG A 263 -1.50 23.81 -22.05
C ARG A 263 -2.81 24.51 -21.68
N SER A 264 -3.56 24.90 -22.71
CA SER A 264 -4.69 25.82 -22.61
C SER A 264 -5.78 25.42 -21.60
N ASN A 265 -5.97 24.12 -21.43
CA ASN A 265 -7.04 23.61 -20.59
C ASN A 265 -6.58 23.34 -19.15
N CYS A 266 -5.36 23.75 -18.85
CA CYS A 266 -4.92 23.84 -17.46
C CYS A 266 -5.66 24.99 -16.77
N PRO A 267 -6.29 24.70 -15.62
CA PRO A 267 -7.04 25.73 -14.88
C PRO A 267 -6.16 26.91 -14.46
N LYS A 268 -6.78 28.07 -14.28
CA LYS A 268 -6.05 29.27 -13.89
C LYS A 268 -5.52 29.12 -12.47
N ALA A 269 -6.27 28.40 -11.65
CA ALA A 269 -5.88 28.20 -10.26
C ALA A 269 -4.62 27.34 -10.16
N MET A 270 -4.48 26.39 -11.09
CA MET A 270 -3.33 25.51 -11.12
C MET A 270 -2.10 26.28 -11.57
N LYS A 271 -2.22 27.02 -12.66
CA LYS A 271 -1.13 27.81 -13.16
C LYS A 271 -0.73 28.81 -12.08
N ARG A 272 -1.71 29.24 -11.29
CA ARG A 272 -1.47 30.23 -10.25
C ARG A 272 -0.72 29.59 -9.09
N LEU A 273 -1.05 28.34 -8.80
CA LEU A 273 -0.40 27.60 -7.72
C LEU A 273 1.02 27.21 -8.11
N MET A 274 1.20 26.93 -9.38
CA MET A 274 2.50 26.55 -9.89
C MET A 274 3.46 27.71 -9.64
N ALA A 275 3.03 28.90 -10.04
CA ALA A 275 3.84 30.09 -9.88
C ALA A 275 4.23 30.28 -8.43
N GLU A 276 3.32 29.97 -7.53
CA GLU A 276 3.55 30.16 -6.10
C GLU A 276 4.66 29.26 -5.57
N CYS A 277 4.77 28.06 -6.14
CA CYS A 277 5.73 27.08 -5.63
C CYS A 277 7.09 27.34 -6.23
N LEU A 278 7.11 27.96 -7.40
CA LEU A 278 8.34 28.24 -8.10
C LEU A 278 8.94 29.60 -7.74
N LYS A 279 8.33 30.28 -6.77
CA LYS A 279 8.84 31.57 -6.31
C LYS A 279 10.31 31.43 -5.99
N LYS A 280 11.09 32.42 -6.38
CA LYS A 280 12.54 32.38 -6.23
C LYS A 280 12.94 32.55 -4.76
N LYS A 281 12.23 33.43 -4.06
CA LYS A 281 12.40 33.57 -2.61
C LYS A 281 11.63 32.44 -1.92
N ARG A 282 12.32 31.69 -1.05
CA ARG A 282 11.73 30.50 -0.47
C ARG A 282 10.62 30.79 0.55
N ASP A 283 10.70 31.92 1.24
CA ASP A 283 9.70 32.25 2.25
C ASP A 283 8.36 32.63 1.61
N GLU A 284 8.36 32.81 0.29
CA GLU A 284 7.15 33.21 -0.40
C GLU A 284 6.39 32.01 -0.97
N ARG A 285 6.88 30.81 -0.65
CA ARG A 285 6.25 29.59 -1.13
C ARG A 285 5.32 28.99 -0.10
N PRO A 286 4.21 28.39 -0.56
CA PRO A 286 3.20 27.70 0.25
C PRO A 286 3.69 26.38 0.83
N LEU A 287 3.32 26.12 2.08
CA LEU A 287 3.58 24.81 2.67
C LEU A 287 2.52 23.82 2.18
N PHE A 288 2.86 22.53 2.21
CA PHE A 288 2.04 21.54 1.53
C PHE A 288 0.61 21.40 2.04
N PRO A 289 0.37 21.66 3.33
CA PRO A 289 -1.04 21.63 3.75
C PRO A 289 -1.85 22.61 2.92
N GLN A 290 -1.32 23.82 2.72
CA GLN A 290 -2.02 24.82 1.93
C GLN A 290 -2.04 24.41 0.46
N ILE A 291 -0.95 23.79 0.01
CA ILE A 291 -0.86 23.34 -1.38
C ILE A 291 -1.90 22.28 -1.68
N LEU A 292 -2.16 21.43 -0.69
CA LEU A 292 -3.08 20.32 -0.87
C LEU A 292 -4.49 20.87 -1.03
N ALA A 293 -4.90 21.71 -0.08
CA ALA A 293 -6.24 22.27 -0.09
C ALA A 293 -6.53 22.94 -1.42
N SER A 294 -5.52 23.57 -2.00
CA SER A 294 -5.69 24.31 -3.24
C SER A 294 -6.00 23.37 -4.40
N ILE A 295 -5.30 22.25 -4.46
CA ILE A 295 -5.51 21.31 -5.55
C ILE A 295 -6.83 20.59 -5.40
N GLU A 296 -7.19 20.25 -4.17
CA GLU A 296 -8.47 19.60 -3.94
C GLU A 296 -9.62 20.50 -4.36
N LEU A 297 -9.53 21.78 -4.02
CA LEU A 297 -10.59 22.71 -4.35
C LEU A 297 -10.78 22.78 -5.86
N LEU A 298 -9.70 22.98 -6.59
CA LEU A 298 -9.78 23.15 -8.04
C LEU A 298 -10.09 21.83 -8.74
N ALA A 299 -9.99 20.73 -8.00
CA ALA A 299 -10.32 19.42 -8.52
C ALA A 299 -11.83 19.22 -8.49
N ARG A 300 -12.46 19.75 -7.46
CA ARG A 300 -13.90 19.58 -7.25
C ARG A 300 -14.72 20.42 -8.23
N SER A 301 -14.17 21.54 -8.65
CA SER A 301 -14.82 22.44 -9.60
C SER A 301 -14.23 22.29 -10.99
N LEU A 302 -13.78 21.09 -11.33
CA LEU A 302 -13.21 20.84 -12.66
C LEU A 302 -14.12 20.03 -13.59
N PRO A 303 -14.59 18.85 -13.14
CA PRO A 303 -15.25 17.88 -14.03
C PRO A 303 -16.50 18.42 -14.74
N LYS A 304 -17.02 19.55 -14.25
CA LYS A 304 -18.18 20.22 -14.84
C LYS A 304 -17.78 21.12 -16.02
N ASP B 29 9.61 7.93 15.55
CA ASP B 29 9.36 6.62 14.86
C ASP B 29 7.93 6.14 15.14
N ASP B 30 7.42 6.46 16.33
CA ASP B 30 6.17 5.90 16.85
C ASP B 30 4.95 6.22 15.99
N TRP B 31 3.89 5.43 16.18
CA TRP B 31 2.71 5.45 15.31
C TRP B 31 1.48 6.06 15.95
N GLU B 32 1.58 6.46 17.20
CA GLU B 32 0.48 7.13 17.86
C GLU B 32 0.21 8.46 17.14
N ILE B 33 -1.06 8.82 17.03
CA ILE B 33 -1.42 10.06 16.35
C ILE B 33 -1.97 11.09 17.34
N PRO B 34 -1.48 12.34 17.27
CA PRO B 34 -1.91 13.42 18.17
C PRO B 34 -3.41 13.71 18.09
N ASP B 35 -4.02 13.90 19.26
CA ASP B 35 -5.46 14.12 19.37
C ASP B 35 -5.94 15.21 18.39
N GLY B 36 -7.01 14.91 17.66
CA GLY B 36 -7.65 15.93 16.84
C GLY B 36 -7.25 15.91 15.38
N GLN B 37 -6.16 15.22 15.05
CA GLN B 37 -5.67 15.16 13.68
C GLN B 37 -6.62 14.35 12.81
N ILE B 38 -7.12 13.25 13.35
CA ILE B 38 -8.01 12.35 12.63
C ILE B 38 -9.42 12.93 12.57
N THR B 39 -9.99 13.01 11.38
CA THR B 39 -11.33 13.58 11.23
C THR B 39 -12.33 12.48 10.93
N VAL B 40 -13.15 12.12 11.91
CA VAL B 40 -14.07 11.01 11.74
C VAL B 40 -15.26 11.41 10.89
N GLY B 41 -15.63 10.57 9.93
CA GLY B 41 -16.74 10.90 9.06
C GLY B 41 -17.87 9.88 9.13
N GLN B 42 -18.33 9.46 7.96
CA GLN B 42 -19.38 8.44 7.86
C GLN B 42 -19.11 7.22 8.72
N ARG B 43 -20.18 6.64 9.27
CA ARG B 43 -20.10 5.29 9.82
C ARG B 43 -20.48 4.30 8.71
N ILE B 44 -19.68 3.26 8.54
CA ILE B 44 -19.84 2.38 7.38
C ILE B 44 -20.06 0.92 7.75
N GLY B 45 -19.89 0.58 9.03
CA GLY B 45 -20.10 -0.78 9.47
C GLY B 45 -19.35 -1.13 10.74
N SER B 46 -19.39 -2.39 11.14
CA SER B 46 -18.64 -2.82 12.31
C SER B 46 -17.48 -3.72 11.90
N GLY B 47 -16.41 -3.69 12.69
CA GLY B 47 -15.38 -4.70 12.57
C GLY B 47 -15.34 -5.47 13.86
N SER B 48 -14.38 -6.38 14.00
CA SER B 48 -14.23 -7.10 15.25
C SER B 48 -13.87 -6.09 16.34
N PHE B 49 -14.55 -6.18 17.48
CA PHE B 49 -14.28 -5.32 18.62
C PHE B 49 -14.43 -3.85 18.30
N GLY B 50 -15.39 -3.49 17.45
CA GLY B 50 -15.57 -2.06 17.19
C GLY B 50 -16.27 -1.67 15.90
N THR B 51 -16.49 -0.36 15.77
CA THR B 51 -17.22 0.20 14.64
C THR B 51 -16.23 0.86 13.70
N VAL B 52 -16.48 0.71 12.40
CA VAL B 52 -15.61 1.25 11.37
C VAL B 52 -16.20 2.52 10.77
N TYR B 53 -15.34 3.51 10.53
CA TYR B 53 -15.76 4.74 9.88
C TYR B 53 -14.78 5.04 8.74
N LYS B 54 -15.24 5.81 7.76
CA LYS B 54 -14.31 6.42 6.81
C LYS B 54 -13.89 7.80 7.32
N GLY B 55 -12.59 8.09 7.27
CA GLY B 55 -12.10 9.34 7.81
C GLY B 55 -11.09 10.09 6.95
N LYS B 56 -10.52 11.15 7.51
CA LYS B 56 -9.44 11.88 6.86
C LYS B 56 -8.26 12.01 7.80
N TRP B 57 -7.09 11.63 7.32
CA TRP B 57 -5.83 11.85 8.04
C TRP B 57 -4.68 11.74 7.06
N HIS B 58 -4.25 12.87 6.51
CA HIS B 58 -3.38 12.85 5.34
C HIS B 58 -4.05 12.03 4.24
N GLY B 59 -5.30 12.36 3.94
CA GLY B 59 -6.04 11.63 2.93
C GLY B 59 -7.17 10.81 3.52
N ASP B 60 -7.82 10.00 2.69
CA ASP B 60 -8.87 9.10 3.17
C ASP B 60 -8.29 7.93 3.92
N VAL B 61 -8.92 7.57 5.04
CA VAL B 61 -8.48 6.45 5.86
C VAL B 61 -9.67 5.75 6.50
N ALA B 62 -9.54 4.46 6.78
CA ALA B 62 -10.57 3.75 7.53
C ALA B 62 -10.23 3.80 9.01
N VAL B 63 -11.23 4.13 9.83
CA VAL B 63 -10.98 4.19 11.27
C VAL B 63 -11.91 3.27 12.03
N LYS B 64 -11.32 2.45 12.90
CA LYS B 64 -12.08 1.52 13.72
C LYS B 64 -11.99 1.98 15.19
N MET B 65 -13.12 2.39 15.75
CA MET B 65 -13.13 2.88 17.13
C MET B 65 -13.58 1.80 18.10
N LEU B 66 -12.72 1.52 19.07
CA LEU B 66 -12.89 0.36 19.95
C LEU B 66 -13.75 0.67 21.17
N ASN B 67 -14.49 1.76 21.11
CA ASN B 67 -15.37 2.12 22.22
C ASN B 67 -16.32 3.30 21.96
N VAL B 68 -17.31 3.45 22.83
CA VAL B 68 -17.73 4.78 23.26
C VAL B 68 -17.03 5.09 24.58
N THR B 69 -17.79 5.16 25.68
CA THR B 69 -17.35 5.71 26.96
C THR B 69 -15.90 5.41 27.36
N ALA B 70 -15.70 4.72 28.47
CA ALA B 70 -14.34 4.40 28.91
C ALA B 70 -13.96 2.94 28.65
N PRO B 71 -12.71 2.71 28.28
CA PRO B 71 -12.17 1.39 27.90
C PRO B 71 -12.16 0.38 29.04
N THR B 72 -12.69 -0.81 28.76
CA THR B 72 -12.54 -1.96 29.65
C THR B 72 -11.08 -2.40 29.52
N PRO B 73 -10.56 -3.12 30.53
CA PRO B 73 -9.31 -3.84 30.31
C PRO B 73 -9.47 -4.99 29.33
N GLN B 74 -10.73 -5.37 29.09
CA GLN B 74 -11.06 -6.27 27.99
C GLN B 74 -10.65 -5.62 26.68
N GLN B 75 -11.21 -4.44 26.42
CA GLN B 75 -10.99 -3.73 25.16
C GLN B 75 -9.54 -3.25 25.10
N LEU B 76 -9.02 -2.79 26.23
CA LEU B 76 -7.67 -2.24 26.29
C LEU B 76 -6.64 -3.24 25.79
N GLN B 77 -6.89 -4.53 26.05
CA GLN B 77 -5.98 -5.56 25.63
C GLN B 77 -6.10 -5.78 24.11
N ALA B 78 -7.33 -5.98 23.65
CA ALA B 78 -7.57 -6.29 22.24
C ALA B 78 -7.04 -5.17 21.35
N PHE B 79 -7.04 -3.96 21.89
CA PHE B 79 -6.46 -2.82 21.18
C PHE B 79 -4.95 -2.99 21.10
N LYS B 80 -4.30 -3.04 22.26
CA LYS B 80 -2.84 -3.18 22.29
C LYS B 80 -2.36 -4.40 21.52
N ASN B 81 -3.15 -5.46 21.54
CA ASN B 81 -2.84 -6.65 20.76
C ASN B 81 -2.86 -6.32 19.27
N GLU B 82 -4.01 -5.85 18.79
CA GLU B 82 -4.21 -5.62 17.36
C GLU B 82 -3.14 -4.71 16.77
N VAL B 83 -2.96 -3.54 17.38
CA VAL B 83 -1.94 -2.61 16.93
C VAL B 83 -0.59 -3.31 16.92
N GLY B 84 -0.37 -4.16 17.91
CA GLY B 84 0.92 -4.82 18.07
C GLY B 84 1.18 -5.79 16.94
N VAL B 85 0.12 -6.21 16.27
CA VAL B 85 0.22 -7.13 15.14
C VAL B 85 0.36 -6.37 13.84
N LEU B 86 -0.53 -5.41 13.64
CA LEU B 86 -0.52 -4.59 12.43
C LEU B 86 0.88 -4.03 12.16
N ARG B 87 1.49 -3.49 13.21
CA ARG B 87 2.79 -2.84 13.06
C ARG B 87 3.90 -3.83 12.76
N LYS B 88 3.53 -5.09 12.53
CA LYS B 88 4.48 -6.09 12.08
C LYS B 88 4.26 -6.39 10.61
N THR B 89 3.18 -5.86 10.05
CA THR B 89 2.83 -6.14 8.66
C THR B 89 3.13 -4.96 7.75
N ARG B 90 4.01 -5.20 6.77
CA ARG B 90 4.18 -4.28 5.65
C ARG B 90 4.16 -5.06 4.35
N HIS B 91 2.97 -5.25 3.79
CA HIS B 91 2.84 -6.00 2.55
C HIS B 91 1.73 -5.38 1.73
N VAL B 92 1.83 -5.52 0.41
CA VAL B 92 0.84 -4.92 -0.47
C VAL B 92 -0.53 -5.53 -0.28
N ASN B 93 -0.57 -6.77 0.20
CA ASN B 93 -1.82 -7.51 0.29
C ASN B 93 -2.47 -7.44 1.67
N ILE B 94 -1.72 -6.96 2.64
CA ILE B 94 -2.28 -6.71 3.97
C ILE B 94 -2.76 -5.27 4.05
N LEU B 95 -3.91 -5.05 4.68
CA LEU B 95 -4.47 -3.69 4.79
C LEU B 95 -3.48 -2.83 5.56
N LEU B 96 -3.13 -1.69 4.98
CA LEU B 96 -2.05 -0.86 5.51
C LEU B 96 -2.42 -0.19 6.81
N PHE B 97 -1.73 -0.58 7.88
CA PHE B 97 -1.86 0.11 9.16
C PHE B 97 -1.13 1.45 9.03
N MET B 98 -1.80 2.53 9.44
CA MET B 98 -1.25 3.87 9.30
C MET B 98 -0.96 4.57 10.63
N GLY B 99 -1.77 4.27 11.63
CA GLY B 99 -1.57 4.84 12.96
C GLY B 99 -2.66 4.43 13.94
N TYR B 100 -2.50 4.83 15.18
CA TYR B 100 -3.52 4.57 16.20
C TYR B 100 -3.74 5.79 17.10
N SER B 101 -4.91 5.86 17.71
CA SER B 101 -5.20 6.94 18.64
C SER B 101 -5.91 6.40 19.88
N THR B 102 -5.54 6.93 21.04
CA THR B 102 -6.18 6.56 22.30
C THR B 102 -6.99 7.72 22.83
N LYS B 103 -6.49 8.93 22.59
CA LYS B 103 -6.80 10.07 23.42
C LYS B 103 -8.28 10.46 23.46
N PRO B 104 -8.93 10.62 22.29
CA PRO B 104 -10.39 10.76 22.33
C PRO B 104 -11.06 9.42 22.63
N GLN B 105 -10.76 8.43 21.79
CA GLN B 105 -11.19 7.04 22.02
C GLN B 105 -10.08 6.12 21.48
N LEU B 106 -10.21 4.83 21.74
CA LEU B 106 -9.32 3.86 21.11
C LEU B 106 -9.69 3.72 19.65
N ALA B 107 -8.73 3.95 18.77
CA ALA B 107 -9.01 3.94 17.33
C ALA B 107 -7.82 3.47 16.51
N ILE B 108 -8.11 2.72 15.45
CA ILE B 108 -7.08 2.21 14.57
C ILE B 108 -7.23 2.75 13.16
N VAL B 109 -6.26 3.55 12.72
CA VAL B 109 -6.32 4.13 11.39
C VAL B 109 -5.56 3.29 10.39
N THR B 110 -6.24 2.90 9.33
CA THR B 110 -5.60 2.24 8.20
C THR B 110 -5.89 3.01 6.92
N GLN B 111 -5.23 2.62 5.84
CA GLN B 111 -5.54 3.20 4.54
C GLN B 111 -7.03 2.99 4.25
N TRP B 112 -7.50 3.61 3.17
CA TRP B 112 -8.89 3.44 2.75
C TRP B 112 -8.94 2.83 1.35
N CYS B 113 -9.93 1.97 1.15
CA CYS B 113 -10.09 1.27 -0.12
C CYS B 113 -11.43 1.60 -0.77
N GLU B 114 -11.39 2.26 -1.92
CA GLU B 114 -12.62 2.47 -2.65
C GLU B 114 -13.05 1.12 -3.18
N GLY B 115 -14.36 0.85 -3.14
CA GLY B 115 -14.88 -0.43 -3.60
C GLY B 115 -14.73 -1.48 -2.53
N SER B 116 -15.78 -2.28 -2.35
CA SER B 116 -16.03 -2.94 -1.07
C SER B 116 -15.28 -4.25 -0.85
N SER B 117 -15.74 -5.02 0.13
CA SER B 117 -15.15 -6.30 0.50
C SER B 117 -15.65 -7.43 -0.40
N LEU B 118 -14.81 -8.44 -0.57
CA LEU B 118 -15.13 -9.55 -1.45
C LEU B 118 -16.53 -10.09 -1.21
N TYR B 119 -16.92 -10.14 0.06
CA TYR B 119 -18.25 -10.61 0.45
C TYR B 119 -19.34 -9.77 -0.21
N HIS B 120 -19.22 -8.46 -0.06
CA HIS B 120 -20.18 -7.55 -0.64
C HIS B 120 -20.28 -7.81 -2.14
N HIS B 121 -19.13 -7.94 -2.77
CA HIS B 121 -19.07 -8.15 -4.22
C HIS B 121 -19.75 -9.44 -4.63
N LEU B 122 -19.62 -10.47 -3.80
CA LEU B 122 -20.09 -11.78 -4.17
C LEU B 122 -21.53 -12.04 -3.78
N HIS B 123 -21.95 -11.51 -2.63
CA HIS B 123 -23.23 -11.92 -2.06
C HIS B 123 -24.23 -10.79 -1.90
N ILE B 124 -23.77 -9.55 -2.06
CA ILE B 124 -24.68 -8.42 -1.91
C ILE B 124 -25.02 -7.81 -3.25
N ILE B 125 -24.01 -7.27 -3.92
CA ILE B 125 -24.21 -6.66 -5.23
C ILE B 125 -23.96 -7.66 -6.36
N GLU B 126 -23.65 -8.89 -5.99
CA GLU B 126 -23.53 -9.99 -6.93
C GLU B 126 -22.74 -9.63 -8.18
N THR B 127 -21.60 -8.97 -7.99
CA THR B 127 -20.66 -8.78 -9.09
C THR B 127 -20.29 -10.15 -9.67
N LYS B 128 -20.32 -10.27 -10.99
CA LYS B 128 -19.90 -11.49 -11.65
C LYS B 128 -18.52 -11.32 -12.28
N PHE B 129 -17.51 -11.88 -11.62
CA PHE B 129 -16.14 -11.80 -12.12
C PHE B 129 -15.85 -12.85 -13.18
N GLU B 130 -14.79 -12.59 -13.93
CA GLU B 130 -14.25 -13.57 -14.88
C GLU B 130 -13.35 -14.55 -14.13
N MET B 131 -13.15 -15.72 -14.70
CA MET B 131 -12.42 -16.77 -14.01
C MET B 131 -10.98 -16.33 -13.72
N ILE B 132 -10.42 -15.55 -14.63
CA ILE B 132 -9.04 -15.13 -14.51
C ILE B 132 -8.93 -14.18 -13.32
N LYS B 133 -9.98 -13.40 -13.13
CA LYS B 133 -10.00 -12.42 -12.06
C LYS B 133 -10.17 -13.12 -10.72
N LEU B 134 -11.06 -14.11 -10.68
CA LEU B 134 -11.35 -14.85 -9.46
C LEU B 134 -10.11 -15.55 -8.96
N ILE B 135 -9.43 -16.23 -9.86
CA ILE B 135 -8.19 -16.91 -9.52
C ILE B 135 -7.18 -15.91 -9.00
N ASP B 136 -7.13 -14.76 -9.64
CA ASP B 136 -6.16 -13.73 -9.25
C ASP B 136 -6.46 -13.26 -7.83
N ILE B 137 -7.74 -13.01 -7.55
CA ILE B 137 -8.14 -12.66 -6.21
C ILE B 137 -7.68 -13.74 -5.25
N ALA B 138 -7.75 -14.98 -5.69
CA ALA B 138 -7.32 -16.09 -4.86
C ALA B 138 -5.81 -16.05 -4.70
N ARG B 139 -5.11 -15.64 -5.74
CA ARG B 139 -3.64 -15.69 -5.75
C ARG B 139 -3.06 -14.62 -4.83
N GLN B 140 -3.74 -13.49 -4.74
CA GLN B 140 -3.30 -12.42 -3.87
C GLN B 140 -3.57 -12.76 -2.40
N THR B 141 -4.81 -13.14 -2.11
CA THR B 141 -5.20 -13.56 -0.77
C THR B 141 -4.23 -14.59 -0.23
N ALA B 142 -3.95 -15.59 -1.05
CA ALA B 142 -2.94 -16.58 -0.74
C ALA B 142 -1.64 -15.87 -0.42
N GLN B 143 -1.24 -14.96 -1.31
CA GLN B 143 0.04 -14.27 -1.18
C GLN B 143 0.21 -13.60 0.17
N GLY B 144 -0.86 -12.95 0.63
CA GLY B 144 -0.79 -12.19 1.87
C GLY B 144 -0.78 -13.10 3.07
N MET B 145 -1.53 -14.19 3.00
CA MET B 145 -1.60 -15.14 4.10
C MET B 145 -0.25 -15.78 4.31
N ASP B 146 0.40 -16.15 3.20
CA ASP B 146 1.76 -16.68 3.27
C ASP B 146 2.62 -15.69 4.04
N TYR B 147 2.46 -14.42 3.73
CA TYR B 147 3.21 -13.36 4.41
C TYR B 147 3.00 -13.46 5.92
N LEU B 148 1.75 -13.35 6.36
CA LEU B 148 1.40 -13.40 7.77
C LEU B 148 1.97 -14.61 8.48
N HIS B 149 1.76 -15.79 7.89
CA HIS B 149 2.21 -17.01 8.51
C HIS B 149 3.73 -17.07 8.59
N ALA B 150 4.40 -16.51 7.60
CA ALA B 150 5.87 -16.45 7.60
C ALA B 150 6.34 -15.60 8.77
N LYS B 151 5.46 -14.76 9.27
CA LYS B 151 5.77 -13.89 10.40
C LYS B 151 5.12 -14.42 11.67
N SER B 152 4.65 -15.67 11.61
CA SER B 152 4.01 -16.29 12.77
C SER B 152 2.78 -15.52 13.22
N ILE B 153 2.07 -14.95 12.26
CA ILE B 153 0.81 -14.27 12.53
C ILE B 153 -0.37 -15.14 12.10
N ILE B 154 -1.28 -15.42 13.04
CA ILE B 154 -2.47 -16.18 12.70
C ILE B 154 -3.69 -15.26 12.71
N HIS B 155 -4.44 -15.28 11.62
CA HIS B 155 -5.50 -14.30 11.44
C HIS B 155 -6.77 -14.67 12.18
N ARG B 156 -7.10 -15.96 12.18
CA ARG B 156 -8.18 -16.47 13.04
C ARG B 156 -9.54 -15.86 12.73
N ASP B 157 -9.63 -15.05 11.68
CA ASP B 157 -10.93 -14.59 11.22
C ASP B 157 -10.94 -14.28 9.73
N LEU B 158 -10.17 -15.06 8.97
CA LEU B 158 -10.21 -14.88 7.53
C LEU B 158 -11.62 -15.17 7.05
N LYS B 159 -12.12 -14.30 6.17
CA LYS B 159 -13.44 -14.47 5.58
C LYS B 159 -13.64 -13.33 4.60
N SER B 160 -14.37 -13.60 3.52
CA SER B 160 -14.52 -12.63 2.45
C SER B 160 -14.94 -11.24 2.93
N ASN B 161 -15.40 -11.15 4.18
CA ASN B 161 -15.72 -9.86 4.79
C ASN B 161 -14.47 -9.03 5.06
N ASN B 162 -13.39 -9.71 5.40
CA ASN B 162 -12.15 -9.05 5.75
C ASN B 162 -11.19 -9.03 4.57
N ILE B 163 -11.65 -9.52 3.43
CA ILE B 163 -10.88 -9.42 2.20
C ILE B 163 -11.39 -8.24 1.37
N PHE B 164 -10.62 -7.17 1.32
CA PHE B 164 -11.07 -5.95 0.64
C PHE B 164 -10.44 -5.78 -0.72
N LEU B 165 -11.27 -5.46 -1.70
CA LEU B 165 -10.81 -5.22 -3.06
C LEU B 165 -10.62 -3.74 -3.29
N HIS B 166 -9.38 -3.30 -3.23
CA HIS B 166 -9.04 -1.91 -3.43
C HIS B 166 -8.86 -1.62 -4.91
N GLU B 167 -9.38 -0.47 -5.36
CA GLU B 167 -9.35 -0.11 -6.78
C GLU B 167 -9.72 -1.28 -7.67
N ASP B 168 -10.51 -2.20 -7.11
CA ASP B 168 -11.09 -3.34 -7.84
C ASP B 168 -10.08 -4.39 -8.36
N LEU B 169 -8.79 -4.17 -8.15
CA LEU B 169 -7.78 -5.08 -8.71
C LEU B 169 -6.65 -5.43 -7.74
N THR B 170 -6.77 -5.00 -6.50
CA THR B 170 -5.74 -5.31 -5.51
C THR B 170 -6.38 -5.78 -4.22
N VAL B 171 -5.94 -6.93 -3.71
CA VAL B 171 -6.56 -7.54 -2.55
C VAL B 171 -5.84 -7.20 -1.26
N LYS B 172 -6.59 -6.67 -0.30
CA LYS B 172 -6.03 -6.30 1.00
C LYS B 172 -6.73 -7.10 2.10
N ILE B 173 -5.95 -7.81 2.91
CA ILE B 173 -6.48 -8.60 4.01
C ILE B 173 -6.65 -7.74 5.24
N GLY B 174 -7.88 -7.63 5.73
CA GLY B 174 -8.17 -6.67 6.78
C GLY B 174 -8.64 -7.20 8.12
N ASP B 175 -8.52 -6.36 9.14
CA ASP B 175 -9.11 -6.61 10.45
C ASP B 175 -8.41 -7.73 11.22
N PHE B 176 -7.45 -7.35 12.04
CA PHE B 176 -6.67 -8.34 12.79
C PHE B 176 -7.04 -8.31 14.26
N GLY B 177 -8.31 -8.06 14.54
CA GLY B 177 -8.75 -7.93 15.92
C GLY B 177 -8.59 -9.23 16.68
N LEU B 178 -8.52 -10.33 15.94
CA LEU B 178 -8.54 -11.64 16.56
C LEU B 178 -7.26 -12.41 16.28
N ALA B 179 -6.29 -11.75 15.66
CA ALA B 179 -5.03 -12.40 15.30
C ALA B 179 -4.10 -12.54 16.51
N THR B 180 -3.20 -13.52 16.42
CA THR B 180 -2.19 -13.76 17.46
C THR B 180 -0.85 -14.14 16.88
N VAL B 181 0.17 -14.17 17.74
CA VAL B 181 1.51 -14.56 17.34
C VAL B 181 2.09 -15.63 18.27
N LEU B 194 -12.73 -15.69 19.44
CA LEU B 194 -13.88 -16.35 20.05
C LEU B 194 -15.13 -16.30 19.14
N SER B 195 -16.32 -16.40 19.71
CA SER B 195 -17.60 -16.37 18.95
C SER B 195 -17.75 -15.29 17.86
N GLY B 196 -18.07 -15.67 16.60
CA GLY B 196 -18.73 -14.75 15.69
C GLY B 196 -19.31 -15.32 14.40
N SER B 197 -18.46 -15.43 13.38
CA SER B 197 -18.85 -15.89 12.04
C SER B 197 -18.30 -17.29 11.83
N ILE B 198 -19.18 -18.24 11.50
CA ILE B 198 -18.87 -19.66 11.62
C ILE B 198 -18.64 -20.37 10.27
N LEU B 199 -19.18 -19.79 9.20
CA LEU B 199 -19.14 -20.43 7.89
C LEU B 199 -17.71 -20.64 7.38
N TRP B 200 -16.73 -20.02 8.02
CA TRP B 200 -15.33 -20.17 7.64
C TRP B 200 -14.51 -20.97 8.65
N MET B 201 -15.06 -21.15 9.84
CA MET B 201 -14.37 -21.89 10.88
C MET B 201 -14.16 -23.36 10.51
N ALA B 202 -12.91 -23.81 10.61
CA ALA B 202 -12.64 -25.24 10.49
C ALA B 202 -13.33 -25.98 11.63
N PRO B 203 -13.69 -27.25 11.40
CA PRO B 203 -14.39 -28.03 12.42
C PRO B 203 -13.65 -28.07 13.76
N GLU B 204 -12.32 -28.19 13.72
CA GLU B 204 -11.56 -28.30 14.95
C GLU B 204 -11.76 -27.07 15.80
N VAL B 205 -12.09 -25.97 15.14
CA VAL B 205 -12.41 -24.73 15.81
C VAL B 205 -13.84 -24.78 16.31
N ILE B 206 -14.74 -25.29 15.47
CA ILE B 206 -16.16 -25.27 15.78
C ILE B 206 -16.52 -26.05 17.03
N ARG B 207 -15.74 -27.07 17.35
CA ARG B 207 -15.92 -27.81 18.60
C ARG B 207 -14.72 -27.58 19.49
N MET B 208 -14.91 -26.85 20.58
CA MET B 208 -13.77 -26.30 21.28
C MET B 208 -13.05 -27.33 22.14
N GLN B 209 -11.92 -27.78 21.62
CA GLN B 209 -11.06 -28.79 22.25
C GLN B 209 -9.77 -28.92 21.43
N ASP B 210 -8.65 -28.68 22.08
CA ASP B 210 -8.64 -28.45 23.53
C ASP B 210 -8.69 -26.97 23.89
N LYS B 211 -7.58 -26.47 24.40
CA LYS B 211 -7.47 -25.04 24.64
C LYS B 211 -7.19 -24.30 23.33
N ASN B 212 -6.34 -24.89 22.47
CA ASN B 212 -5.92 -24.19 21.25
C ASN B 212 -6.21 -24.92 19.95
N PRO B 213 -7.39 -24.66 19.38
CA PRO B 213 -7.82 -25.14 18.06
C PRO B 213 -7.21 -24.38 16.88
N TYR B 214 -6.86 -23.12 17.11
CA TYR B 214 -6.38 -22.25 16.04
C TYR B 214 -4.95 -22.57 15.64
N SER B 215 -4.75 -22.78 14.35
CA SER B 215 -3.43 -23.09 13.82
C SER B 215 -3.33 -22.52 12.41
N PHE B 216 -2.13 -22.55 11.84
CA PHE B 216 -1.96 -22.14 10.46
C PHE B 216 -3.02 -22.84 9.63
N GLN B 217 -3.32 -24.08 10.00
CA GLN B 217 -4.25 -24.89 9.25
C GLN B 217 -5.71 -24.45 9.42
N SER B 218 -6.06 -23.91 10.58
CA SER B 218 -7.41 -23.41 10.78
C SER B 218 -7.64 -22.21 9.89
N ASP B 219 -6.57 -21.51 9.54
CA ASP B 219 -6.61 -20.39 8.60
C ASP B 219 -6.83 -20.91 7.20
N VAL B 220 -6.03 -21.90 6.81
CA VAL B 220 -6.14 -22.48 5.49
C VAL B 220 -7.58 -22.89 5.20
N TYR B 221 -8.23 -23.51 6.17
CA TYR B 221 -9.59 -23.96 5.98
C TYR B 221 -10.51 -22.78 5.69
N ALA B 222 -10.33 -21.70 6.44
CA ALA B 222 -11.11 -20.49 6.21
C ALA B 222 -10.88 -20.02 4.78
N PHE B 223 -9.62 -19.97 4.36
CA PHE B 223 -9.30 -19.59 3.00
C PHE B 223 -9.98 -20.56 2.05
N GLY B 224 -10.08 -21.82 2.46
CA GLY B 224 -10.71 -22.81 1.60
C GLY B 224 -12.13 -22.45 1.26
N ILE B 225 -12.82 -21.82 2.20
CA ILE B 225 -14.20 -21.44 2.01
C ILE B 225 -14.38 -20.21 1.13
N VAL B 226 -13.42 -19.30 1.17
CA VAL B 226 -13.47 -18.14 0.27
C VAL B 226 -13.11 -18.59 -1.14
N LEU B 227 -12.28 -19.62 -1.24
CA LEU B 227 -12.07 -20.25 -2.54
C LEU B 227 -13.42 -20.72 -3.03
N TYR B 228 -14.13 -21.42 -2.15
CA TYR B 228 -15.46 -21.93 -2.47
C TYR B 228 -16.36 -20.78 -2.90
N GLU B 229 -16.36 -19.70 -2.13
CA GLU B 229 -17.13 -18.50 -2.49
C GLU B 229 -16.75 -18.03 -3.87
N LEU B 230 -15.46 -17.95 -4.13
CA LEU B 230 -14.95 -17.47 -5.41
C LEU B 230 -15.45 -18.34 -6.54
N MET B 231 -15.38 -19.65 -6.35
CA MET B 231 -15.69 -20.58 -7.44
C MET B 231 -17.17 -20.91 -7.56
N THR B 232 -17.95 -20.59 -6.53
CA THR B 232 -19.39 -20.88 -6.60
C THR B 232 -20.22 -19.60 -6.64
N GLY B 233 -19.60 -18.49 -6.26
CA GLY B 233 -20.35 -17.26 -6.08
C GLY B 233 -21.42 -17.36 -5.00
N GLN B 234 -21.24 -18.33 -4.10
CA GLN B 234 -22.26 -18.63 -3.08
C GLN B 234 -21.67 -18.92 -1.69
N LEU B 235 -22.44 -18.62 -0.66
CA LEU B 235 -22.09 -19.03 0.69
C LEU B 235 -22.42 -20.51 0.87
N PRO B 236 -21.51 -21.28 1.47
CA PRO B 236 -21.76 -22.70 1.68
C PRO B 236 -22.98 -22.92 2.56
N TYR B 237 -23.55 -24.12 2.48
CA TYR B 237 -24.70 -24.50 3.28
C TYR B 237 -25.86 -23.52 3.12
N SER B 238 -25.96 -22.93 1.94
CA SER B 238 -27.00 -21.95 1.65
C SER B 238 -28.42 -22.52 1.81
N ASN B 239 -28.57 -23.82 1.63
CA ASN B 239 -29.89 -24.42 1.67
C ASN B 239 -30.37 -24.76 3.09
N ILE B 240 -29.45 -24.68 4.06
CA ILE B 240 -29.80 -24.93 5.45
C ILE B 240 -30.06 -23.61 6.18
N ASN B 241 -31.27 -23.43 6.71
CA ASN B 241 -31.63 -22.15 7.30
C ASN B 241 -31.49 -22.11 8.82
N ASN B 242 -30.82 -23.10 9.40
CA ASN B 242 -30.63 -23.14 10.83
C ASN B 242 -29.15 -23.04 11.17
N ARG B 243 -28.78 -21.98 11.87
CA ARG B 243 -27.37 -21.73 12.14
C ARG B 243 -26.78 -22.77 13.09
N ASP B 244 -27.56 -23.16 14.09
CA ASP B 244 -27.07 -24.05 15.11
C ASP B 244 -26.86 -25.46 14.59
N GLN B 245 -27.72 -25.89 13.68
CA GLN B 245 -27.53 -27.18 13.01
C GLN B 245 -26.20 -27.16 12.29
N ILE B 246 -25.92 -26.04 11.63
CA ILE B 246 -24.77 -25.97 10.77
C ILE B 246 -23.50 -26.05 11.59
N ILE B 247 -23.53 -25.54 12.81
CA ILE B 247 -22.35 -25.63 13.67
C ILE B 247 -22.23 -27.04 14.19
N PHE B 248 -23.35 -27.55 14.70
CA PHE B 248 -23.33 -28.91 15.22
C PHE B 248 -22.81 -29.88 14.15
N MET B 249 -23.38 -29.79 12.96
CA MET B 249 -23.11 -30.76 11.92
C MET B 249 -21.71 -30.63 11.32
N VAL B 250 -21.25 -29.40 11.16
CA VAL B 250 -19.89 -29.19 10.72
C VAL B 250 -18.93 -29.57 11.83
N GLY B 251 -19.38 -29.46 13.06
CA GLY B 251 -18.55 -29.88 14.18
C GLY B 251 -18.32 -31.38 14.17
N ARG B 252 -19.40 -32.14 14.00
CA ARG B 252 -19.35 -33.60 14.08
C ARG B 252 -18.95 -34.22 12.75
N GLY B 253 -18.80 -33.38 11.73
CA GLY B 253 -18.30 -33.87 10.46
C GLY B 253 -19.37 -34.54 9.63
N TYR B 254 -20.61 -34.08 9.80
CA TYR B 254 -21.71 -34.54 8.98
C TYR B 254 -21.90 -33.64 7.77
N LEU B 255 -21.54 -32.37 7.92
CA LEU B 255 -21.71 -31.41 6.85
C LEU B 255 -20.38 -30.94 6.31
N SER B 256 -20.27 -30.87 4.99
CA SER B 256 -19.12 -30.25 4.37
C SER B 256 -19.59 -29.48 3.14
N PRO B 257 -18.81 -28.48 2.72
CA PRO B 257 -19.16 -27.73 1.52
C PRO B 257 -19.37 -28.66 0.33
N ASP B 258 -20.44 -28.40 -0.43
CA ASP B 258 -20.78 -29.22 -1.59
C ASP B 258 -19.96 -28.78 -2.80
N LEU B 259 -18.97 -29.59 -3.16
CA LEU B 259 -17.96 -29.16 -4.12
C LEU B 259 -18.38 -29.30 -5.57
N SER B 260 -19.56 -29.86 -5.81
CA SER B 260 -20.08 -30.00 -7.16
C SER B 260 -20.70 -28.70 -7.65
N LYS B 261 -20.82 -27.71 -6.77
CA LYS B 261 -21.41 -26.42 -7.13
C LYS B 261 -20.44 -25.51 -7.87
N VAL B 262 -19.15 -25.86 -7.84
CA VAL B 262 -18.14 -25.06 -8.52
C VAL B 262 -18.48 -24.93 -10.01
N ARG B 263 -18.39 -23.72 -10.55
CA ARG B 263 -18.80 -23.49 -11.94
C ARG B 263 -17.87 -24.21 -12.92
N SER B 264 -18.44 -24.60 -14.06
CA SER B 264 -17.81 -25.52 -15.01
C SER B 264 -16.41 -25.14 -15.48
N ASN B 265 -16.14 -23.84 -15.58
CA ASN B 265 -14.88 -23.35 -16.11
C ASN B 265 -13.83 -23.12 -15.03
N CYS B 266 -14.14 -23.52 -13.81
CA CYS B 266 -13.13 -23.62 -12.77
C CYS B 266 -12.19 -24.78 -13.12
N PRO B 267 -10.87 -24.52 -13.12
CA PRO B 267 -9.89 -25.56 -13.43
C PRO B 267 -9.95 -26.74 -12.47
N LYS B 268 -9.53 -27.91 -12.92
CA LYS B 268 -9.55 -29.12 -12.08
C LYS B 268 -8.55 -28.98 -10.95
N ALA B 269 -7.47 -28.25 -11.21
CA ALA B 269 -6.41 -28.08 -10.23
C ALA B 269 -6.89 -27.21 -9.07
N MET B 270 -7.77 -26.25 -9.39
CA MET B 270 -8.34 -25.37 -8.38
C MET B 270 -9.32 -26.13 -7.50
N LYS B 271 -10.24 -26.83 -8.14
CA LYS B 271 -11.21 -27.63 -7.40
C LYS B 271 -10.47 -28.64 -6.55
N ARG B 272 -9.33 -29.11 -7.05
CA ARG B 272 -8.53 -30.11 -6.34
C ARG B 272 -7.84 -29.49 -5.13
N LEU B 273 -7.41 -28.24 -5.28
CA LEU B 273 -6.76 -27.51 -4.19
C LEU B 273 -7.77 -27.11 -3.13
N MET B 274 -8.97 -26.79 -3.57
CA MET B 274 -10.03 -26.40 -2.67
C MET B 274 -10.28 -27.55 -1.73
N ALA B 275 -10.47 -28.73 -2.30
CA ALA B 275 -10.72 -29.92 -1.50
C ALA B 275 -9.62 -30.14 -0.47
N GLU B 276 -8.38 -29.82 -0.84
CA GLU B 276 -7.23 -30.04 0.04
C GLU B 276 -7.28 -29.15 1.27
N CYS B 277 -7.81 -27.95 1.10
CA CYS B 277 -7.81 -26.98 2.18
C CYS B 277 -8.98 -27.23 3.11
N LEU B 278 -10.04 -27.83 2.58
CA LEU B 278 -11.25 -28.08 3.34
C LEU B 278 -11.23 -29.45 4.02
N LYS B 279 -10.10 -30.14 3.94
CA LYS B 279 -9.95 -31.43 4.60
C LYS B 279 -10.37 -31.30 6.06
N LYS B 280 -11.10 -32.30 6.56
CA LYS B 280 -11.65 -32.24 7.91
C LYS B 280 -10.55 -32.41 8.95
N LYS B 281 -9.60 -33.31 8.66
CA LYS B 281 -8.41 -33.48 9.49
C LYS B 281 -7.41 -32.38 9.15
N ARG B 282 -6.96 -31.64 10.16
CA ARG B 282 -6.16 -30.46 9.91
C ARG B 282 -4.74 -30.76 9.41
N ASP B 283 -4.19 -31.89 9.81
CA ASP B 283 -2.83 -32.25 9.40
C ASP B 283 -2.76 -32.64 7.93
N GLU B 284 -3.92 -32.78 7.29
CA GLU B 284 -3.97 -33.19 5.90
C GLU B 284 -4.11 -31.98 4.97
N ARG B 285 -4.03 -30.79 5.54
CA ARG B 285 -4.13 -29.55 4.77
C ARG B 285 -2.77 -28.98 4.45
N PRO B 286 -2.64 -28.38 3.26
CA PRO B 286 -1.44 -27.72 2.74
C PRO B 286 -1.14 -26.40 3.46
N LEU B 287 0.14 -26.16 3.72
CA LEU B 287 0.56 -24.86 4.23
C LEU B 287 0.66 -23.88 3.07
N PHE B 288 0.54 -22.59 3.38
CA PHE B 288 0.33 -21.59 2.34
C PHE B 288 1.46 -21.48 1.33
N PRO B 289 2.71 -21.76 1.72
CA PRO B 289 3.75 -21.73 0.70
C PRO B 289 3.40 -22.70 -0.43
N GLN B 290 2.95 -23.90 -0.05
CA GLN B 290 2.55 -24.89 -1.05
C GLN B 290 1.27 -24.48 -1.74
N ILE B 291 0.37 -23.83 -1.00
CA ILE B 291 -0.88 -23.35 -1.58
C ILE B 291 -0.63 -22.29 -2.63
N LEU B 292 0.38 -21.46 -2.40
CA LEU B 292 0.68 -20.36 -3.29
C LEU B 292 1.19 -20.91 -4.61
N ALA B 293 2.21 -21.76 -4.54
CA ALA B 293 2.82 -22.34 -5.73
C ALA B 293 1.79 -23.01 -6.62
N SER B 294 0.77 -23.63 -5.99
CA SER B 294 -0.25 -24.34 -6.74
C SER B 294 -1.10 -23.38 -7.56
N ILE B 295 -1.48 -22.26 -6.96
CA ILE B 295 -2.32 -21.31 -7.66
C ILE B 295 -1.55 -20.60 -8.76
N GLU B 296 -0.29 -20.28 -8.49
CA GLU B 296 0.54 -19.63 -9.50
C GLU B 296 0.71 -20.52 -10.72
N LEU B 297 0.94 -21.80 -10.48
CA LEU B 297 1.12 -22.74 -11.57
C LEU B 297 -0.11 -22.78 -12.45
N LEU B 298 -1.28 -22.97 -11.85
CA LEU B 298 -2.52 -23.11 -12.60
C LEU B 298 -2.98 -21.79 -13.20
N ALA B 299 -2.34 -20.71 -12.76
CA ALA B 299 -2.62 -19.38 -13.28
C ALA B 299 -1.88 -19.19 -14.60
N ARG B 300 -0.67 -19.74 -14.68
CA ARG B 300 0.19 -19.60 -15.84
C ARG B 300 -0.30 -20.41 -17.03
N SER B 301 -0.94 -21.54 -16.74
CA SER B 301 -1.49 -22.41 -17.77
C SER B 301 -3.01 -22.24 -17.91
N LEU B 302 -3.48 -21.02 -17.68
CA LEU B 302 -4.92 -20.75 -17.80
C LEU B 302 -5.29 -19.94 -19.04
N PRO B 303 -4.64 -18.75 -19.24
CA PRO B 303 -5.11 -17.77 -20.24
C PRO B 303 -5.15 -18.32 -21.67
N LYS B 304 -4.49 -19.45 -21.89
CA LYS B 304 -4.47 -20.12 -23.19
C LYS B 304 -5.72 -21.00 -23.41
C1 FOI C . 9.12 0.17 -7.22
N2 FOI C . 8.46 -0.31 -8.30
C3 FOI C . 8.97 -0.11 -9.54
C4 FOI C . 10.16 0.58 -9.69
C5 FOI C . 10.81 1.06 -8.65
C6 FOI C . 10.33 0.87 -7.38
C7 FOI C . 12.01 1.71 -9.18
C8 FOI C . 11.92 1.56 -10.55
O9 FOI C . 10.78 0.85 -10.87
C10 FOI C . 12.76 1.98 -11.70
O11 FOI C . 12.52 1.74 -12.88
O12 FOI C . 13.86 2.72 -11.28
C13 FOI C . 14.72 3.17 -12.33
N14 FOI C . 13.01 2.35 -8.53
C15 FOI C . 13.36 2.41 -7.16
C16 FOI C . 13.76 3.58 -6.61
C17 FOI C . 14.10 3.62 -5.29
C18 FOI C . 14.01 2.49 -4.54
C19 FOI C . 13.64 1.35 -5.05
C20 FOI C . 13.29 1.27 -6.37
C21 FOI C . 13.62 0.24 -4.06
C22 FOI C . 14.09 0.92 -2.77
C23 FOI C . 14.33 2.36 -3.19
N24 FOI C . 14.72 3.35 -2.44
O25 FOI C . 14.95 2.92 -1.12
C1 FOI D . -10.55 -0.05 4.58
N2 FOI D . -11.20 0.35 3.45
C3 FOI D . -12.53 0.09 3.31
C4 FOI D . -13.22 -0.60 4.30
C5 FOI D . -12.60 -1.00 5.42
C6 FOI D . -11.25 -0.75 5.59
C7 FOI D . -13.62 -1.69 6.22
C8 FOI D . -14.80 -1.60 5.45
O9 FOI D . -14.54 -0.92 4.26
C10 FOI D . -16.15 -2.06 5.65
O11 FOI D . -17.08 -1.89 4.85
O12 FOI D . -16.28 -2.70 6.86
C13 FOI D . -17.58 -3.20 7.15
N14 FOI D . -13.53 -2.28 7.44
C15 FOI D . -12.45 -2.37 8.38
C16 FOI D . -12.17 -3.56 9.03
C17 FOI D . -11.11 -3.61 9.92
C18 FOI D . -10.38 -2.49 10.12
C19 FOI D . -10.65 -1.35 9.50
C20 FOI D . -11.67 -1.26 8.62
C21 FOI D . -9.74 -0.23 9.86
C22 FOI D . -8.77 -0.88 10.87
C23 FOI D . -9.26 -2.31 10.98
N24 FOI D . -8.75 -3.26 11.71
O25 FOI D . -7.65 -2.78 12.44
#